data_5ALO
#
_entry.id   5ALO
#
_cell.length_a   92.866
_cell.length_b   92.866
_cell.length_c   245.640
_cell.angle_alpha   90.00
_cell.angle_beta   90.00
_cell.angle_gamma   120.00
#
_symmetry.space_group_name_H-M   'P 65 2 2'
#
loop_
_entity.id
_entity.type
_entity.pdbx_description
1 polymer 'BIFUNCTIONAL EPOXIDE HYDROLASE 2'
2 non-polymer 'DIMETHYL SULFOXIDE'
3 non-polymer 3-BENZYL-3-METHYL-5-(1-METHYLPYRAZOL-4-YL)INDOLIN-2-ONE
4 water water
#
_entity_poly.entity_id   1
_entity_poly.type   'polypeptide(L)'
_entity_poly.pdbx_seq_one_letter_code
;GMTLRAAVFDLDGVLALPAVFGVLGRTEEALALPRGLLNDAFQKGGPEGATTRLMKGEITLSQWIPLMEENCRKCSETAK
VCLPKNFSIKEIFDKAISARKINRPMLQAALMLRKKGFTTAILTNTWLDDRAERDGLAQLMCELKMHFDFLIESCQVGMV
KPEPQIYKFLLDTLKASPSEVVFLDDIGANLKPARDLGMVTILVQDTDTALKELEKVTGIQLLNTPAPLPTSCNPSDMSH
GYVTVKPRVRLHFVELGSGPAVCLCHGFPESWYSWRYQIPALAQAGYRVLAMDMKGYGESSAPPEIEEYCMEVLCKEMVT
FLDKLGLSQAVFIGHDWGGMLVWYMALFYPERVRAVASLNTPFIPANPNMSPLESIKANPVFDYQLYFQEPGVAEAELEQ
NLSRTFKSLFRASDESVLSMHKVCEAGGLFVNSPEEPSLSRMVTEEEIQFYVQQFKKSGFRGPLNWYRNMERNWKWACKS
LGRKILIPALMVTAEKDFVLVPQMSQHMEDWIPHLKRGHIEDCGHWTQMDKPTEVNQILIKWLDSDARN
;
_entity_poly.pdbx_strand_id   A
#
loop_
_chem_comp.id
_chem_comp.type
_chem_comp.name
_chem_comp.formula
A0J non-polymer 3-BENZYL-3-METHYL-5-(1-METHYLPYRAZOL-4-YL)INDOLIN-2-ONE 'C20 H19 N3 O'
DMS non-polymer 'DIMETHYL SULFOXIDE' 'C2 H6 O S'
#
# COMPACT_ATOMS: atom_id res chain seq x y z
N THR A 3 25.67 22.40 -6.30
CA THR A 3 24.43 22.04 -5.60
C THR A 3 23.87 20.64 -5.96
N LEU A 4 23.69 19.81 -4.91
CA LEU A 4 23.21 18.42 -4.99
C LEU A 4 21.78 18.30 -5.51
N ARG A 5 21.54 17.28 -6.35
CA ARG A 5 20.21 16.99 -6.90
C ARG A 5 19.95 15.48 -7.11
N ALA A 6 20.93 14.64 -6.74
CA ALA A 6 20.85 13.18 -6.82
C ALA A 6 21.50 12.50 -5.64
N ALA A 7 20.85 11.46 -5.10
CA ALA A 7 21.36 10.69 -3.96
C ALA A 7 21.46 9.22 -4.32
N VAL A 8 22.59 8.60 -4.00
CA VAL A 8 22.85 7.21 -4.36
C VAL A 8 23.14 6.40 -3.12
N PHE A 9 22.47 5.28 -3.00
CA PHE A 9 22.63 4.40 -1.84
C PHE A 9 23.03 3.00 -2.22
N ASP A 10 23.93 2.39 -1.43
CA ASP A 10 24.26 0.98 -1.58
C ASP A 10 23.09 0.22 -0.96
N LEU A 11 23.02 -1.09 -1.18
CA LEU A 11 21.99 -1.95 -0.61
C LEU A 11 22.53 -2.60 0.68
N ASP A 12 23.52 -3.50 0.56
CA ASP A 12 24.06 -4.21 1.72
C ASP A 12 24.77 -3.26 2.71
N GLY A 13 24.31 -3.27 3.97
CA GLY A 13 24.83 -2.39 5.00
C GLY A 13 24.36 -0.94 4.97
N VAL A 14 23.61 -0.54 3.92
CA VAL A 14 23.09 0.84 3.82
C VAL A 14 21.57 0.84 3.81
N LEU A 15 20.92 0.33 2.73
CA LEU A 15 19.45 0.26 2.67
C LEU A 15 18.90 -0.99 3.31
N ALA A 16 19.76 -1.99 3.56
CA ALA A 16 19.36 -3.26 4.15
C ALA A 16 20.33 -3.73 5.24
N LEU A 17 19.76 -4.17 6.40
CA LEU A 17 20.50 -4.60 7.60
C LEU A 17 19.84 -5.79 8.31
N PRO A 18 20.62 -6.68 8.98
CA PRO A 18 22.09 -6.72 9.06
C PRO A 18 22.75 -7.06 7.71
N ALA A 19 23.89 -6.40 7.41
CA ALA A 19 24.69 -6.60 6.19
C ALA A 19 25.07 -8.06 6.01
N VAL A 20 24.90 -8.60 4.78
CA VAL A 20 25.22 -10.01 4.47
C VAL A 20 26.75 -10.29 4.64
N PHE A 21 27.59 -9.27 4.36
CA PHE A 21 29.06 -9.30 4.50
C PHE A 21 29.51 -9.66 5.92
N GLY A 22 28.89 -9.02 6.93
CA GLY A 22 29.19 -9.19 8.35
C GLY A 22 28.98 -10.57 8.94
N VAL A 23 28.22 -11.43 8.22
CA VAL A 23 27.90 -12.81 8.59
C VAL A 23 29.12 -13.74 8.44
N LEU A 24 30.12 -13.37 7.62
CA LEU A 24 31.35 -14.16 7.46
C LEU A 24 32.20 -14.07 8.75
N GLY A 25 32.26 -12.87 9.34
CA GLY A 25 32.95 -12.60 10.59
C GLY A 25 32.22 -13.18 11.78
N ARG A 26 30.87 -13.17 11.73
CA ARG A 26 30.01 -13.74 12.77
C ARG A 26 30.12 -15.26 12.79
N THR A 27 30.19 -15.90 11.61
CA THR A 27 30.32 -17.37 11.49
C THR A 27 31.66 -17.83 12.08
N GLU A 28 32.75 -17.11 11.73
CA GLU A 28 34.11 -17.34 12.21
C GLU A 28 34.13 -17.39 13.75
N GLU A 29 33.61 -16.32 14.40
CA GLU A 29 33.55 -16.16 15.85
C GLU A 29 32.68 -17.23 16.49
N ALA A 30 31.53 -17.55 15.87
CA ALA A 30 30.60 -18.58 16.35
C ALA A 30 31.26 -19.97 16.28
N LEU A 31 32.07 -20.24 15.24
CA LEU A 31 32.71 -21.53 15.07
C LEU A 31 34.16 -21.62 15.59
N ALA A 32 34.67 -20.54 16.24
CA ALA A 32 36.03 -20.40 16.77
C ALA A 32 37.12 -20.74 15.73
N LEU A 33 36.89 -20.30 14.48
CA LEU A 33 37.80 -20.49 13.36
C LEU A 33 38.82 -19.33 13.35
N PRO A 34 40.00 -19.48 12.67
CA PRO A 34 40.93 -18.35 12.56
C PRO A 34 40.26 -17.10 12.02
N ARG A 35 40.67 -15.94 12.56
CA ARG A 35 40.11 -14.66 12.19
C ARG A 35 40.34 -14.36 10.69
N GLY A 36 39.28 -13.95 10.02
CA GLY A 36 39.26 -13.60 8.60
C GLY A 36 39.28 -14.76 7.62
N LEU A 37 39.29 -16.02 8.11
CA LEU A 37 39.31 -17.25 7.31
C LEU A 37 38.23 -17.29 6.22
N LEU A 38 36.97 -17.00 6.61
CA LEU A 38 35.85 -17.01 5.68
C LEU A 38 35.83 -15.80 4.76
N ASN A 39 36.14 -14.61 5.31
CA ASN A 39 36.21 -13.35 4.55
C ASN A 39 37.35 -13.39 3.52
N ASP A 40 38.34 -14.29 3.75
CA ASP A 40 39.50 -14.50 2.88
C ASP A 40 39.13 -15.45 1.74
N ALA A 41 38.38 -16.53 2.06
CA ALA A 41 37.90 -17.51 1.08
C ALA A 41 36.87 -16.86 0.14
N PHE A 42 36.12 -15.89 0.69
CA PHE A 42 35.13 -15.08 -0.03
C PHE A 42 35.78 -14.21 -1.11
N GLN A 43 36.90 -13.53 -0.80
CA GLN A 43 37.55 -12.65 -1.76
C GLN A 43 38.72 -13.27 -2.54
N LYS A 44 38.90 -14.59 -2.45
CA LYS A 44 39.97 -15.35 -3.12
C LYS A 44 39.95 -15.18 -4.66
N GLY A 45 41.09 -14.77 -5.21
CA GLY A 45 41.26 -14.56 -6.65
C GLY A 45 41.10 -13.11 -7.08
N GLY A 46 40.54 -12.30 -6.18
CA GLY A 46 40.30 -10.87 -6.41
C GLY A 46 39.40 -10.59 -7.60
N PRO A 47 39.89 -9.82 -8.62
CA PRO A 47 39.04 -9.50 -9.79
C PRO A 47 38.85 -10.64 -10.77
N GLU A 48 39.65 -11.70 -10.64
CA GLU A 48 39.62 -12.89 -11.49
C GLU A 48 38.92 -14.07 -10.77
N GLY A 49 38.68 -13.89 -9.47
CA GLY A 49 38.08 -14.90 -8.60
C GLY A 49 36.58 -15.12 -8.76
N ALA A 50 36.10 -16.24 -8.18
CA ALA A 50 34.71 -16.71 -8.18
C ALA A 50 33.70 -15.61 -7.83
N THR A 51 33.96 -14.84 -6.73
CA THR A 51 33.09 -13.78 -6.24
C THR A 51 32.91 -12.65 -7.23
N THR A 52 33.99 -12.22 -7.92
CA THR A 52 33.90 -11.14 -8.92
C THR A 52 33.07 -11.56 -10.13
N ARG A 53 33.23 -12.83 -10.56
CA ARG A 53 32.49 -13.45 -11.66
C ARG A 53 31.00 -13.48 -11.30
N LEU A 54 30.69 -13.87 -10.05
CA LEU A 54 29.34 -13.90 -9.51
C LEU A 54 28.71 -12.49 -9.55
N MET A 55 29.42 -11.49 -8.98
CA MET A 55 28.95 -10.10 -8.93
C MET A 55 28.81 -9.45 -10.32
N LYS A 56 29.56 -9.92 -11.33
CA LYS A 56 29.46 -9.38 -12.69
C LYS A 56 28.38 -10.06 -13.50
N GLY A 57 27.83 -11.15 -12.98
CA GLY A 57 26.76 -11.89 -13.63
C GLY A 57 27.22 -13.00 -14.53
N GLU A 58 28.53 -13.35 -14.50
CA GLU A 58 29.09 -14.42 -15.31
C GLU A 58 28.51 -15.75 -14.89
N ILE A 59 28.23 -15.89 -13.59
CA ILE A 59 27.71 -17.11 -12.99
C ILE A 59 26.59 -16.76 -12.01
N THR A 60 25.72 -17.75 -11.68
CA THR A 60 24.63 -17.55 -10.72
C THR A 60 25.09 -17.92 -9.29
N LEU A 61 24.31 -17.53 -8.26
CA LEU A 61 24.59 -17.88 -6.87
C LEU A 61 24.76 -19.40 -6.65
N SER A 62 23.85 -20.24 -7.19
CA SER A 62 23.93 -21.70 -7.05
C SER A 62 25.19 -22.30 -7.65
N GLN A 63 25.76 -21.66 -8.69
CA GLN A 63 27.02 -22.09 -9.31
C GLN A 63 28.20 -21.66 -8.42
N TRP A 64 28.13 -20.49 -7.76
CA TRP A 64 29.17 -19.95 -6.89
C TRP A 64 29.34 -20.74 -5.59
N ILE A 65 28.24 -21.25 -4.99
CA ILE A 65 28.26 -22.04 -3.75
C ILE A 65 29.39 -23.11 -3.75
N PRO A 66 29.49 -24.05 -4.73
CA PRO A 66 30.60 -25.01 -4.73
C PRO A 66 31.99 -24.37 -4.88
N LEU A 67 32.09 -23.25 -5.63
CA LEU A 67 33.36 -22.53 -5.79
C LEU A 67 33.81 -21.90 -4.45
N MET A 68 32.85 -21.42 -3.63
CA MET A 68 33.10 -20.86 -2.29
C MET A 68 33.53 -21.95 -1.31
N GLU A 69 32.89 -23.14 -1.37
CA GLU A 69 33.20 -24.31 -0.53
C GLU A 69 34.68 -24.72 -0.74
N GLU A 70 35.13 -24.78 -2.02
CA GLU A 70 36.50 -25.13 -2.41
C GLU A 70 37.48 -24.05 -1.93
N ASN A 71 37.10 -22.77 -2.01
CA ASN A 71 37.90 -21.64 -1.53
C ASN A 71 38.09 -21.71 -0.01
N CYS A 72 37.03 -22.17 0.72
CA CYS A 72 37.03 -22.34 2.18
C CYS A 72 37.95 -23.49 2.59
N ARG A 73 38.02 -24.56 1.76
CA ARG A 73 38.91 -25.71 1.96
C ARG A 73 40.38 -25.25 1.80
N LYS A 74 40.70 -24.51 0.71
CA LYS A 74 42.03 -23.98 0.41
C LYS A 74 42.54 -23.01 1.50
N CYS A 75 41.62 -22.19 2.08
CA CYS A 75 41.94 -21.21 3.12
C CYS A 75 42.21 -21.86 4.48
N SER A 76 41.42 -22.90 4.85
CA SER A 76 41.59 -23.64 6.11
C SER A 76 42.89 -24.47 6.10
N GLU A 77 43.33 -24.89 4.89
CA GLU A 77 44.54 -25.66 4.62
C GLU A 77 45.79 -24.84 4.95
N THR A 78 45.84 -23.58 4.46
CA THR A 78 46.95 -22.62 4.65
C THR A 78 47.09 -22.19 6.11
N ALA A 79 45.95 -21.91 6.80
CA ALA A 79 45.90 -21.50 8.21
C ALA A 79 46.10 -22.69 9.18
N LYS A 80 46.25 -23.93 8.62
CA LYS A 80 46.46 -25.20 9.33
C LYS A 80 45.37 -25.52 10.37
N VAL A 81 44.10 -25.54 9.91
CA VAL A 81 42.88 -25.81 10.70
C VAL A 81 41.90 -26.73 9.95
N CYS A 82 40.80 -27.11 10.63
CA CYS A 82 39.75 -27.97 10.07
C CYS A 82 38.34 -27.40 10.29
N LEU A 83 37.52 -27.40 9.23
CA LEU A 83 36.13 -26.92 9.22
C LEU A 83 35.20 -27.96 9.89
N PRO A 84 34.08 -27.54 10.54
CA PRO A 84 33.19 -28.53 11.20
C PRO A 84 32.48 -29.51 10.27
N LYS A 85 31.96 -30.61 10.86
CA LYS A 85 31.25 -31.72 10.20
C LYS A 85 30.06 -31.28 9.34
N ASN A 86 29.13 -30.49 9.93
CA ASN A 86 27.93 -30.00 9.26
C ASN A 86 28.04 -28.54 8.80
N PHE A 87 29.17 -28.21 8.12
CA PHE A 87 29.46 -26.87 7.60
C PHE A 87 28.78 -26.70 6.24
N SER A 88 27.97 -25.64 6.10
CA SER A 88 27.27 -25.36 4.85
C SER A 88 27.21 -23.87 4.53
N ILE A 89 27.83 -23.49 3.39
CA ILE A 89 27.85 -22.12 2.84
C ILE A 89 26.42 -21.71 2.47
N LYS A 90 25.67 -22.65 1.87
CA LYS A 90 24.28 -22.45 1.46
C LYS A 90 23.46 -22.05 2.69
N GLU A 91 23.54 -22.84 3.78
CA GLU A 91 22.83 -22.59 5.05
C GLU A 91 23.20 -21.23 5.65
N ILE A 92 24.50 -20.88 5.64
CA ILE A 92 25.06 -19.62 6.14
C ILE A 92 24.49 -18.43 5.34
N PHE A 93 24.50 -18.53 4.00
CA PHE A 93 23.97 -17.47 3.14
C PHE A 93 22.45 -17.40 3.11
N ASP A 94 21.75 -18.56 3.14
CA ASP A 94 20.27 -18.65 3.21
C ASP A 94 19.79 -17.87 4.43
N LYS A 95 20.43 -18.15 5.61
CA LYS A 95 20.10 -17.51 6.88
C LYS A 95 20.43 -16.00 6.87
N ALA A 96 21.61 -15.63 6.35
CA ALA A 96 22.05 -14.23 6.24
C ALA A 96 21.12 -13.38 5.35
N ILE A 97 20.69 -13.96 4.20
CA ILE A 97 19.79 -13.28 3.26
C ILE A 97 18.40 -13.09 3.89
N SER A 98 17.87 -14.15 4.53
CA SER A 98 16.60 -14.18 5.24
C SER A 98 16.58 -13.16 6.39
N ALA A 99 17.72 -13.00 7.10
CA ALA A 99 17.86 -12.08 8.24
C ALA A 99 17.88 -10.62 7.84
N ARG A 100 18.46 -10.32 6.66
CA ARG A 100 18.62 -8.97 6.14
C ARG A 100 17.27 -8.33 5.77
N LYS A 101 16.98 -7.20 6.41
CA LYS A 101 15.72 -6.47 6.26
C LYS A 101 16.02 -5.06 5.83
N ILE A 102 14.99 -4.37 5.33
CA ILE A 102 15.09 -2.97 4.92
C ILE A 102 15.45 -2.15 6.14
N ASN A 103 16.40 -1.20 5.95
CA ASN A 103 16.80 -0.26 6.96
C ASN A 103 15.81 0.91 6.84
N ARG A 104 14.67 0.81 7.57
CA ARG A 104 13.59 1.80 7.51
C ARG A 104 13.96 3.28 7.62
N PRO A 105 14.80 3.73 8.59
CA PRO A 105 15.21 5.15 8.59
C PRO A 105 15.99 5.57 7.33
N MET A 106 16.83 4.70 6.76
CA MET A 106 17.58 5.04 5.53
C MET A 106 16.59 5.21 4.34
N LEU A 107 15.60 4.28 4.23
CA LEU A 107 14.57 4.36 3.19
C LEU A 107 13.75 5.63 3.33
N GLN A 108 13.41 6.01 4.58
CA GLN A 108 12.67 7.23 4.89
C GLN A 108 13.44 8.47 4.44
N ALA A 109 14.76 8.52 4.69
CA ALA A 109 15.62 9.62 4.28
C ALA A 109 15.60 9.71 2.73
N ALA A 110 15.80 8.57 2.03
CA ALA A 110 15.77 8.49 0.55
C ALA A 110 14.41 8.98 0.01
N LEU A 111 13.30 8.54 0.63
CA LEU A 111 11.93 8.98 0.28
C LEU A 111 11.75 10.49 0.42
N MET A 112 12.25 11.05 1.51
CA MET A 112 12.19 12.49 1.78
C MET A 112 13.01 13.29 0.73
N LEU A 113 14.22 12.80 0.40
CA LEU A 113 15.07 13.43 -0.61
C LEU A 113 14.36 13.49 -1.99
N ARG A 114 13.71 12.38 -2.39
CA ARG A 114 12.95 12.29 -3.65
C ARG A 114 11.74 13.23 -3.67
N LYS A 115 11.04 13.36 -2.51
CA LYS A 115 9.86 14.22 -2.33
C LYS A 115 10.21 15.70 -2.57
N LYS A 116 11.43 16.09 -2.16
CA LYS A 116 12.00 17.43 -2.32
C LYS A 116 12.62 17.68 -3.73
N GLY A 117 12.52 16.69 -4.62
CA GLY A 117 12.99 16.83 -5.99
C GLY A 117 14.30 16.16 -6.39
N PHE A 118 14.91 15.38 -5.47
CA PHE A 118 16.14 14.64 -5.77
C PHE A 118 15.84 13.43 -6.63
N THR A 119 16.82 13.05 -7.47
CA THR A 119 16.78 11.84 -8.28
C THR A 119 17.49 10.83 -7.40
N THR A 120 16.89 9.68 -7.15
CA THR A 120 17.53 8.71 -6.27
C THR A 120 17.81 7.41 -6.97
N ALA A 121 18.87 6.73 -6.57
CA ALA A 121 19.21 5.45 -7.14
C ALA A 121 19.85 4.54 -6.12
N ILE A 122 19.68 3.24 -6.34
CA ILE A 122 20.35 2.19 -5.60
C ILE A 122 21.46 1.72 -6.55
N LEU A 123 22.71 1.63 -6.05
CA LEU A 123 23.84 1.10 -6.79
C LEU A 123 24.38 -0.04 -5.95
N THR A 124 24.31 -1.27 -6.45
CA THR A 124 24.69 -2.43 -5.65
C THR A 124 25.46 -3.51 -6.37
N ASN A 125 26.40 -4.15 -5.64
CA ASN A 125 27.15 -5.32 -6.08
C ASN A 125 26.31 -6.48 -5.62
N THR A 126 25.62 -7.13 -6.56
CA THR A 126 24.72 -8.22 -6.29
C THR A 126 24.90 -9.37 -7.25
N TRP A 127 24.14 -10.44 -7.02
CA TRP A 127 24.22 -11.69 -7.76
C TRP A 127 22.88 -12.07 -8.38
N LEU A 128 22.91 -13.02 -9.32
CA LEU A 128 21.74 -13.59 -9.97
C LEU A 128 21.34 -14.76 -9.09
N ASP A 129 20.26 -14.59 -8.31
CA ASP A 129 19.81 -15.58 -7.32
C ASP A 129 18.87 -16.63 -7.89
N ASP A 130 19.36 -17.85 -7.96
CA ASP A 130 18.60 -19.00 -8.44
C ASP A 130 18.40 -20.04 -7.34
N ARG A 131 18.51 -19.63 -6.06
CA ARG A 131 18.32 -20.57 -4.94
C ARG A 131 16.84 -20.90 -4.83
N ALA A 132 16.51 -22.07 -4.25
CA ALA A 132 15.12 -22.46 -4.01
C ALA A 132 14.39 -21.38 -3.20
N GLU A 133 15.14 -20.64 -2.35
CA GLU A 133 14.57 -19.60 -1.50
C GLU A 133 14.75 -18.13 -1.99
N ARG A 134 15.10 -17.98 -3.31
CA ARG A 134 15.29 -16.69 -4.00
C ARG A 134 14.15 -15.67 -3.83
N ASP A 135 12.91 -16.15 -3.64
CA ASP A 135 11.75 -15.27 -3.51
C ASP A 135 11.82 -14.24 -2.38
N GLY A 136 12.39 -14.60 -1.24
CA GLY A 136 12.52 -13.67 -0.12
C GLY A 136 13.27 -12.41 -0.52
N LEU A 137 14.38 -12.57 -1.26
CA LEU A 137 15.17 -11.44 -1.74
C LEU A 137 14.39 -10.72 -2.86
N ALA A 138 13.73 -11.48 -3.76
CA ALA A 138 12.94 -10.89 -4.84
C ALA A 138 11.90 -9.93 -4.25
N GLN A 139 11.20 -10.36 -3.19
CA GLN A 139 10.19 -9.56 -2.47
C GLN A 139 10.84 -8.29 -1.90
N LEU A 140 12.03 -8.43 -1.26
CA LEU A 140 12.77 -7.30 -0.66
C LEU A 140 13.15 -6.28 -1.72
N MET A 141 13.72 -6.74 -2.83
CA MET A 141 14.14 -5.88 -3.93
C MET A 141 12.97 -5.15 -4.54
N CYS A 142 11.83 -5.84 -4.66
CA CYS A 142 10.59 -5.27 -5.18
C CYS A 142 10.10 -4.15 -4.32
N GLU A 143 10.01 -4.38 -3.00
CA GLU A 143 9.56 -3.35 -2.07
C GLU A 143 10.45 -2.09 -2.18
N LEU A 144 11.78 -2.29 -2.09
CA LEU A 144 12.76 -1.22 -2.16
C LEU A 144 12.79 -0.42 -3.47
N LYS A 145 12.97 -1.09 -4.63
CA LYS A 145 13.16 -0.45 -5.95
C LYS A 145 12.11 0.55 -6.37
N MET A 146 10.84 0.27 -6.00
CA MET A 146 9.71 1.11 -6.39
C MET A 146 9.75 2.52 -5.82
N HIS A 147 10.59 2.71 -4.79
CA HIS A 147 10.80 3.98 -4.09
C HIS A 147 11.92 4.85 -4.68
N PHE A 148 12.60 4.36 -5.74
CA PHE A 148 13.76 5.02 -6.36
C PHE A 148 13.59 5.21 -7.84
N ASP A 149 14.29 6.18 -8.40
CA ASP A 149 14.27 6.43 -9.84
C ASP A 149 15.05 5.38 -10.59
N PHE A 150 16.17 4.89 -10.03
CA PHE A 150 16.97 3.87 -10.68
C PHE A 150 17.49 2.80 -9.72
N LEU A 151 17.68 1.59 -10.25
CA LEU A 151 18.27 0.46 -9.56
C LEU A 151 19.36 -0.08 -10.49
N ILE A 152 20.62 0.03 -10.06
CA ILE A 152 21.76 -0.45 -10.84
C ILE A 152 22.40 -1.61 -10.07
N GLU A 153 22.30 -2.80 -10.64
CA GLU A 153 22.80 -4.04 -10.07
C GLU A 153 24.00 -4.45 -10.87
N SER A 154 25.11 -4.79 -10.18
CA SER A 154 26.36 -5.18 -10.82
C SER A 154 26.22 -6.37 -11.81
N CYS A 155 25.45 -7.40 -11.42
CA CYS A 155 25.23 -8.62 -12.18
C CYS A 155 24.41 -8.40 -13.46
N GLN A 156 23.71 -7.26 -13.54
CA GLN A 156 22.90 -6.91 -14.70
C GLN A 156 23.66 -6.01 -15.65
N VAL A 157 24.57 -5.19 -15.10
CA VAL A 157 25.38 -4.29 -15.92
C VAL A 157 26.76 -4.87 -16.30
N GLY A 158 27.13 -5.99 -15.68
CA GLY A 158 28.41 -6.66 -15.91
C GLY A 158 29.65 -5.87 -15.48
N MET A 159 29.44 -4.90 -14.58
CA MET A 159 30.45 -3.99 -14.02
C MET A 159 30.32 -4.12 -12.51
N VAL A 160 31.38 -3.81 -11.77
CA VAL A 160 31.36 -3.98 -10.32
C VAL A 160 32.05 -2.82 -9.59
N LYS A 161 31.64 -2.55 -8.33
CA LYS A 161 32.35 -1.57 -7.51
C LYS A 161 33.56 -2.34 -6.98
N PRO A 162 34.80 -1.79 -6.95
CA PRO A 162 35.21 -0.39 -7.16
C PRO A 162 35.70 0.04 -8.55
N GLU A 163 35.45 -0.77 -9.61
CA GLU A 163 35.90 -0.44 -10.98
C GLU A 163 35.33 0.91 -11.43
N PRO A 164 36.12 1.79 -12.07
CA PRO A 164 35.62 3.15 -12.39
C PRO A 164 34.51 3.26 -13.42
N GLN A 165 34.35 2.23 -14.29
CA GLN A 165 33.32 2.14 -15.33
C GLN A 165 31.89 2.23 -14.73
N ILE A 166 31.63 1.47 -13.64
CA ILE A 166 30.32 1.48 -12.94
C ILE A 166 29.93 2.91 -12.47
N TYR A 167 30.93 3.71 -12.05
CA TYR A 167 30.73 5.09 -11.60
C TYR A 167 30.36 6.03 -12.73
N LYS A 168 31.03 5.90 -13.89
CA LYS A 168 30.75 6.73 -15.07
C LYS A 168 29.37 6.35 -15.64
N PHE A 169 29.03 5.03 -15.53
CA PHE A 169 27.73 4.47 -15.91
C PHE A 169 26.65 5.07 -15.01
N LEU A 170 26.89 5.09 -13.68
CA LEU A 170 25.96 5.68 -12.69
C LEU A 170 25.70 7.14 -13.04
N LEU A 171 26.79 7.89 -13.35
CA LEU A 171 26.70 9.31 -13.74
C LEU A 171 25.89 9.49 -15.00
N ASP A 172 26.11 8.59 -15.99
CA ASP A 172 25.39 8.61 -17.25
C ASP A 172 23.90 8.36 -17.03
N THR A 173 23.54 7.37 -16.17
CA THR A 173 22.12 7.11 -15.89
C THR A 173 21.47 8.25 -15.14
N LEU A 174 22.20 8.85 -14.18
CA LEU A 174 21.68 9.98 -13.40
C LEU A 174 21.57 11.28 -14.22
N LYS A 175 22.32 11.39 -15.36
CA LYS A 175 22.37 12.57 -16.24
C LYS A 175 22.72 13.84 -15.41
N ALA A 176 23.67 13.67 -14.48
CA ALA A 176 24.13 14.68 -13.53
C ALA A 176 25.65 14.64 -13.45
N SER A 177 26.28 15.80 -13.14
CA SER A 177 27.74 15.86 -12.99
C SER A 177 28.10 15.36 -11.60
N PRO A 178 29.34 14.86 -11.34
CA PRO A 178 29.65 14.32 -10.00
C PRO A 178 29.35 15.19 -8.79
N SER A 179 29.52 16.52 -8.89
CA SER A 179 29.29 17.43 -7.77
C SER A 179 27.82 17.50 -7.33
N GLU A 180 26.88 17.16 -8.23
CA GLU A 180 25.43 17.12 -8.00
C GLU A 180 24.97 15.83 -7.26
N VAL A 181 25.88 14.87 -7.01
CA VAL A 181 25.57 13.56 -6.43
C VAL A 181 26.18 13.27 -5.05
N VAL A 182 25.32 12.78 -4.11
CA VAL A 182 25.71 12.24 -2.79
C VAL A 182 25.74 10.76 -3.00
N PHE A 183 26.75 10.10 -2.45
CA PHE A 183 26.94 8.67 -2.60
C PHE A 183 27.18 8.05 -1.22
N LEU A 184 26.31 7.14 -0.79
CA LEU A 184 26.38 6.48 0.53
C LEU A 184 26.75 5.02 0.36
N ASP A 185 27.78 4.56 1.08
CA ASP A 185 28.27 3.17 1.00
C ASP A 185 28.91 2.80 2.33
N ASP A 186 28.80 1.50 2.72
CA ASP A 186 29.41 1.02 3.95
C ASP A 186 30.86 0.53 3.74
N ILE A 187 31.32 0.42 2.46
CA ILE A 187 32.67 -0.04 2.10
C ILE A 187 33.50 1.12 1.57
N GLY A 188 34.54 1.48 2.32
CA GLY A 188 35.43 2.60 2.03
C GLY A 188 36.07 2.56 0.66
N ALA A 189 36.53 1.36 0.26
CA ALA A 189 37.14 1.12 -1.05
C ALA A 189 36.14 1.44 -2.19
N ASN A 190 34.84 1.14 -1.98
CA ASN A 190 33.78 1.36 -2.98
C ASN A 190 33.34 2.82 -3.02
N LEU A 191 33.58 3.53 -1.93
CA LEU A 191 33.28 4.95 -1.81
C LEU A 191 34.34 5.78 -2.53
N LYS A 192 35.63 5.34 -2.43
CA LYS A 192 36.82 5.96 -3.01
C LYS A 192 36.69 6.51 -4.47
N PRO A 193 36.28 5.71 -5.52
CA PRO A 193 36.19 6.26 -6.88
C PRO A 193 35.19 7.38 -7.06
N ALA A 194 34.09 7.39 -6.27
CA ALA A 194 33.07 8.43 -6.32
C ALA A 194 33.63 9.72 -5.75
N ARG A 195 34.42 9.62 -4.67
CA ARG A 195 35.08 10.75 -4.02
C ARG A 195 36.09 11.35 -5.02
N ASP A 196 36.98 10.49 -5.57
CA ASP A 196 38.01 10.83 -6.58
C ASP A 196 37.41 11.48 -7.86
N LEU A 197 36.10 11.29 -8.11
CA LEU A 197 35.40 11.84 -9.27
C LEU A 197 34.79 13.22 -8.96
N GLY A 198 34.70 13.56 -7.65
CA GLY A 198 34.16 14.83 -7.19
C GLY A 198 32.81 14.73 -6.47
N MET A 199 32.25 13.51 -6.34
CA MET A 199 30.96 13.28 -5.68
C MET A 199 31.09 13.44 -4.16
N VAL A 200 30.00 13.88 -3.49
CA VAL A 200 29.93 13.95 -2.03
C VAL A 200 29.73 12.51 -1.57
N THR A 201 30.50 12.09 -0.59
CA THR A 201 30.47 10.72 -0.11
C THR A 201 30.21 10.64 1.38
N ILE A 202 29.64 9.52 1.83
CA ILE A 202 29.33 9.24 3.23
C ILE A 202 29.69 7.80 3.50
N LEU A 203 30.63 7.57 4.44
CA LEU A 203 30.96 6.20 4.83
C LEU A 203 29.90 5.87 5.87
N VAL A 204 29.13 4.81 5.62
CA VAL A 204 28.03 4.37 6.46
C VAL A 204 28.50 3.28 7.41
N GLN A 205 28.40 3.56 8.72
CA GLN A 205 28.66 2.59 9.77
C GLN A 205 27.30 2.50 10.47
N ASP A 206 27.01 3.39 11.45
CA ASP A 206 25.70 3.45 12.10
C ASP A 206 24.83 4.40 11.27
N THR A 207 23.54 4.05 11.12
CA THR A 207 22.57 4.83 10.32
C THR A 207 22.45 6.27 10.77
N ASP A 208 22.32 6.49 12.09
CA ASP A 208 22.15 7.81 12.69
C ASP A 208 23.21 8.83 12.27
N THR A 209 24.50 8.46 12.37
CA THR A 209 25.62 9.35 11.97
C THR A 209 25.60 9.60 10.46
N ALA A 210 25.38 8.52 9.67
CA ALA A 210 25.29 8.61 8.21
C ALA A 210 24.20 9.58 7.83
N LEU A 211 23.03 9.50 8.52
CA LEU A 211 21.90 10.41 8.29
C LEU A 211 22.18 11.85 8.69
N LYS A 212 22.98 12.05 9.77
CA LYS A 212 23.38 13.40 10.25
C LYS A 212 24.24 14.05 9.16
N GLU A 213 25.20 13.26 8.62
CA GLU A 213 26.11 13.67 7.54
C GLU A 213 25.28 14.00 6.30
N LEU A 214 24.27 13.16 6.00
CA LEU A 214 23.35 13.39 4.87
C LEU A 214 22.53 14.66 5.01
N GLU A 215 21.98 14.96 6.21
CA GLU A 215 21.22 16.22 6.34
C GLU A 215 22.09 17.46 6.34
N LYS A 216 23.32 17.35 6.86
CA LYS A 216 24.28 18.44 6.86
C LYS A 216 24.63 18.84 5.42
N VAL A 217 24.86 17.84 4.55
CA VAL A 217 25.23 18.10 3.17
C VAL A 217 24.09 18.46 2.20
N THR A 218 22.85 17.97 2.45
CA THR A 218 21.70 18.31 1.57
C THR A 218 20.94 19.54 2.06
N GLY A 219 21.08 19.86 3.34
CA GLY A 219 20.35 20.96 3.97
C GLY A 219 18.87 20.66 4.16
N ILE A 220 18.51 19.36 4.11
CA ILE A 220 17.14 18.87 4.30
C ILE A 220 17.10 18.03 5.58
N GLN A 221 16.09 18.28 6.44
CA GLN A 221 15.91 17.53 7.69
C GLN A 221 15.46 16.10 7.35
N LEU A 222 16.24 15.11 7.77
CA LEU A 222 15.96 13.71 7.51
C LEU A 222 15.86 12.91 8.79
N LEU A 223 16.47 13.43 9.86
CA LEU A 223 16.51 12.77 11.15
C LEU A 223 15.48 13.42 12.07
N ASN A 224 14.81 12.60 12.90
CA ASN A 224 13.81 13.03 13.91
C ASN A 224 12.58 13.69 13.27
N THR A 225 12.36 13.42 11.98
CA THR A 225 11.27 13.97 11.18
C THR A 225 9.86 13.40 11.56
N PRO A 226 8.74 14.10 11.27
CA PRO A 226 7.42 13.54 11.63
C PRO A 226 7.13 12.19 10.94
N ALA A 227 6.21 11.41 11.54
CA ALA A 227 5.84 10.09 11.01
C ALA A 227 5.33 10.21 9.56
N PRO A 228 5.96 9.54 8.58
CA PRO A 228 5.50 9.70 7.18
C PRO A 228 4.17 8.98 6.92
N LEU A 229 3.37 9.47 5.94
CA LEU A 229 2.11 8.84 5.53
C LEU A 229 2.48 7.51 4.84
N PRO A 230 1.57 6.49 4.82
CA PRO A 230 1.88 5.25 4.07
C PRO A 230 2.03 5.58 2.59
N THR A 231 2.70 4.71 1.82
CA THR A 231 2.88 4.85 0.36
C THR A 231 1.49 4.94 -0.29
N SER A 232 1.33 5.87 -1.21
CA SER A 232 0.07 6.07 -1.92
C SER A 232 0.15 5.40 -3.31
N CYS A 233 -0.81 5.66 -4.21
CA CYS A 233 -0.87 5.07 -5.56
C CYS A 233 -0.79 6.13 -6.60
N ASN A 234 0.00 5.90 -7.65
CA ASN A 234 0.00 6.78 -8.80
C ASN A 234 -0.91 6.07 -9.81
N PRO A 235 -2.11 6.63 -10.12
CA PRO A 235 -3.05 5.93 -11.03
C PRO A 235 -2.48 5.32 -12.31
N SER A 236 -1.53 6.04 -12.96
CA SER A 236 -0.91 5.63 -14.21
C SER A 236 0.08 4.48 -14.08
N ASP A 237 0.51 4.15 -12.84
CA ASP A 237 1.43 3.06 -12.56
C ASP A 237 0.74 1.80 -12.10
N MET A 238 -0.59 1.80 -12.07
CA MET A 238 -1.30 0.62 -11.57
C MET A 238 -1.71 -0.34 -12.70
N SER A 239 -2.03 -1.58 -12.33
CA SER A 239 -2.62 -2.55 -13.26
C SER A 239 -4.11 -2.25 -13.18
N HIS A 240 -4.74 -1.95 -14.31
CA HIS A 240 -6.17 -1.65 -14.42
C HIS A 240 -6.86 -2.83 -15.03
N GLY A 241 -7.89 -3.33 -14.33
CA GLY A 241 -8.69 -4.49 -14.71
C GLY A 241 -10.13 -4.14 -15.06
N TYR A 242 -10.70 -4.87 -16.06
CA TYR A 242 -12.05 -4.65 -16.59
C TYR A 242 -12.78 -5.97 -16.85
N VAL A 243 -13.96 -6.11 -16.25
CA VAL A 243 -14.81 -7.30 -16.28
C VAL A 243 -16.23 -6.88 -16.66
N THR A 244 -16.77 -7.44 -17.75
CA THR A 244 -18.17 -7.22 -18.13
C THR A 244 -19.04 -8.20 -17.30
N VAL A 245 -19.89 -7.68 -16.40
CA VAL A 245 -20.74 -8.52 -15.54
C VAL A 245 -22.10 -8.82 -16.18
N LYS A 246 -22.52 -8.00 -17.12
CA LYS A 246 -23.75 -8.15 -17.91
C LYS A 246 -23.66 -7.23 -19.16
N PRO A 247 -24.46 -7.48 -20.24
CA PRO A 247 -24.34 -6.65 -21.46
C PRO A 247 -24.02 -5.17 -21.34
N ARG A 248 -24.74 -4.46 -20.47
CA ARG A 248 -24.49 -3.01 -20.39
C ARG A 248 -23.55 -2.59 -19.23
N VAL A 249 -23.06 -3.56 -18.44
CA VAL A 249 -22.28 -3.25 -17.24
C VAL A 249 -20.90 -3.85 -17.21
N ARG A 250 -19.89 -3.00 -17.11
CA ARG A 250 -18.53 -3.46 -16.91
C ARG A 250 -18.00 -2.87 -15.57
N LEU A 251 -17.23 -3.65 -14.82
CA LEU A 251 -16.66 -3.12 -13.57
C LEU A 251 -15.16 -2.97 -13.74
N HIS A 252 -14.65 -1.78 -13.35
CA HIS A 252 -13.23 -1.48 -13.38
C HIS A 252 -12.66 -1.65 -11.96
N PHE A 253 -11.41 -2.08 -11.88
CA PHE A 253 -10.69 -2.24 -10.63
C PHE A 253 -9.22 -2.05 -10.85
N VAL A 254 -8.52 -1.72 -9.78
CA VAL A 254 -7.07 -1.59 -9.74
C VAL A 254 -6.61 -2.83 -8.95
N GLU A 255 -5.50 -3.45 -9.39
CA GLU A 255 -5.03 -4.71 -8.83
C GLU A 255 -3.57 -4.69 -8.49
N LEU A 256 -3.25 -5.13 -7.29
CA LEU A 256 -1.85 -5.14 -6.81
C LEU A 256 -1.62 -6.24 -5.76
N GLY A 257 -0.53 -6.97 -5.92
CA GLY A 257 -0.12 -8.01 -4.97
C GLY A 257 -0.49 -9.43 -5.33
N SER A 258 -0.02 -10.36 -4.48
CA SER A 258 -0.31 -11.78 -4.61
C SER A 258 -0.82 -12.29 -3.26
N GLY A 259 -1.59 -13.36 -3.29
CA GLY A 259 -2.13 -13.94 -2.07
C GLY A 259 -3.63 -13.97 -2.08
N PRO A 260 -4.25 -14.08 -0.90
CA PRO A 260 -5.72 -14.14 -0.84
C PRO A 260 -6.34 -12.85 -1.40
N ALA A 261 -7.39 -12.99 -2.23
CA ALA A 261 -8.06 -11.84 -2.84
C ALA A 261 -8.79 -10.99 -1.78
N VAL A 262 -8.51 -9.70 -1.79
CA VAL A 262 -9.09 -8.72 -0.88
C VAL A 262 -9.78 -7.66 -1.76
N CYS A 263 -11.11 -7.67 -1.79
CA CYS A 263 -11.95 -6.77 -2.57
C CYS A 263 -12.35 -5.52 -1.75
N LEU A 264 -11.85 -4.34 -2.14
CA LEU A 264 -12.09 -3.04 -1.46
C LEU A 264 -13.23 -2.29 -2.14
N CYS A 265 -14.27 -1.96 -1.36
CA CYS A 265 -15.52 -1.37 -1.86
C CYS A 265 -15.74 0.03 -1.23
N HIS A 266 -15.52 1.11 -2.02
CA HIS A 266 -15.62 2.49 -1.56
C HIS A 266 -17.06 2.92 -1.31
N GLY A 267 -17.23 4.12 -0.76
CA GLY A 267 -18.56 4.66 -0.50
C GLY A 267 -18.91 5.81 -1.42
N PHE A 268 -19.84 6.63 -0.97
CA PHE A 268 -20.33 7.79 -1.74
C PHE A 268 -19.71 9.09 -1.28
N PRO A 269 -19.26 9.98 -2.21
CA PRO A 269 -19.17 9.84 -3.68
C PRO A 269 -17.71 9.61 -3.96
N GLU A 270 -17.28 8.35 -3.90
CA GLU A 270 -15.85 8.09 -3.98
C GLU A 270 -15.27 7.40 -5.23
N SER A 271 -14.25 6.55 -5.04
CA SER A 271 -13.45 5.98 -6.12
C SER A 271 -12.62 4.84 -5.58
N TRP A 272 -12.03 4.04 -6.48
CA TRP A 272 -11.01 3.06 -6.08
C TRP A 272 -9.88 3.82 -5.32
N TYR A 273 -9.58 5.08 -5.77
CA TYR A 273 -8.54 5.97 -5.25
C TYR A 273 -8.70 6.31 -3.77
N SER A 274 -9.90 6.18 -3.21
CA SER A 274 -10.14 6.39 -1.79
C SER A 274 -9.35 5.38 -0.95
N TRP A 275 -8.88 4.26 -1.57
CA TRP A 275 -8.09 3.21 -0.94
C TRP A 275 -6.60 3.36 -1.26
N ARG A 276 -6.20 4.50 -1.87
CA ARG A 276 -4.80 4.74 -2.26
C ARG A 276 -3.73 4.42 -1.21
N TYR A 277 -3.98 4.72 0.08
CA TYR A 277 -3.04 4.47 1.17
C TYR A 277 -3.07 3.01 1.65
N GLN A 278 -4.15 2.26 1.36
CA GLN A 278 -4.30 0.85 1.77
C GLN A 278 -3.72 -0.14 0.74
N ILE A 279 -3.90 0.14 -0.56
CA ILE A 279 -3.45 -0.75 -1.64
C ILE A 279 -1.97 -1.18 -1.52
N PRO A 280 -0.95 -0.27 -1.52
CA PRO A 280 0.42 -0.75 -1.36
C PRO A 280 0.66 -1.49 -0.06
N ALA A 281 0.08 -1.02 1.08
CA ALA A 281 0.27 -1.69 2.38
C ALA A 281 -0.34 -3.10 2.44
N LEU A 282 -1.57 -3.31 1.91
CA LEU A 282 -2.19 -4.65 1.94
C LEU A 282 -1.47 -5.65 1.02
N ALA A 283 -1.02 -5.17 -0.15
CA ALA A 283 -0.25 -5.97 -1.12
C ALA A 283 1.10 -6.37 -0.51
N GLN A 284 1.77 -5.43 0.18
CA GLN A 284 3.06 -5.68 0.88
C GLN A 284 2.87 -6.67 2.05
N ALA A 285 1.69 -6.66 2.70
CA ALA A 285 1.33 -7.59 3.78
C ALA A 285 0.97 -9.02 3.30
N GLY A 286 0.97 -9.25 1.98
CA GLY A 286 0.77 -10.57 1.39
C GLY A 286 -0.62 -10.86 0.84
N TYR A 287 -1.30 -9.82 0.32
CA TYR A 287 -2.65 -9.96 -0.26
C TYR A 287 -2.72 -9.47 -1.69
N ARG A 288 -3.68 -10.01 -2.42
CA ARG A 288 -3.97 -9.59 -3.78
C ARG A 288 -5.11 -8.61 -3.62
N VAL A 289 -4.82 -7.32 -3.77
CA VAL A 289 -5.83 -6.28 -3.59
C VAL A 289 -6.60 -6.01 -4.91
N LEU A 290 -7.94 -5.97 -4.86
CA LEU A 290 -8.78 -5.59 -5.98
C LEU A 290 -9.56 -4.38 -5.50
N ALA A 291 -9.11 -3.17 -5.91
CA ALA A 291 -9.79 -1.93 -5.49
C ALA A 291 -10.76 -1.50 -6.56
N MET A 292 -12.04 -1.65 -6.27
CA MET A 292 -13.10 -1.38 -7.22
C MET A 292 -13.41 0.05 -7.47
N ASP A 293 -13.92 0.31 -8.68
CA ASP A 293 -14.71 1.48 -8.96
C ASP A 293 -16.08 0.79 -8.85
N MET A 294 -16.87 1.19 -7.86
CA MET A 294 -18.19 0.60 -7.69
C MET A 294 -19.08 1.03 -8.86
N LYS A 295 -20.13 0.31 -9.14
CA LYS A 295 -21.05 0.66 -10.25
C LYS A 295 -21.55 2.11 -10.07
N GLY A 296 -21.45 2.87 -11.15
CA GLY A 296 -21.85 4.27 -11.16
C GLY A 296 -20.69 5.22 -11.06
N TYR A 297 -19.47 4.67 -10.87
CA TYR A 297 -18.25 5.44 -10.59
C TYR A 297 -17.08 5.19 -11.53
N GLY A 298 -16.27 6.22 -11.71
CA GLY A 298 -15.01 6.22 -12.45
C GLY A 298 -15.09 5.52 -13.79
N GLU A 299 -14.27 4.47 -13.97
CA GLU A 299 -14.25 3.74 -15.23
C GLU A 299 -15.27 2.61 -15.30
N SER A 300 -16.07 2.39 -14.22
CA SER A 300 -17.12 1.37 -14.24
C SER A 300 -18.33 1.98 -14.93
N SER A 301 -19.27 1.13 -15.34
CA SER A 301 -20.48 1.54 -16.02
C SER A 301 -21.39 2.24 -15.05
N ALA A 302 -22.13 3.21 -15.59
CA ALA A 302 -23.09 3.99 -14.85
C ALA A 302 -24.46 4.05 -15.56
N PRO A 303 -25.25 2.94 -15.59
CA PRO A 303 -26.59 3.02 -16.24
C PRO A 303 -27.49 4.01 -15.51
N PRO A 304 -28.50 4.61 -16.17
CA PRO A 304 -29.29 5.64 -15.49
C PRO A 304 -30.37 5.19 -14.52
N GLU A 305 -30.91 3.98 -14.71
CA GLU A 305 -32.06 3.43 -13.97
C GLU A 305 -31.81 3.24 -12.48
N ILE A 306 -32.73 3.75 -11.65
CA ILE A 306 -32.64 3.66 -10.18
C ILE A 306 -32.43 2.23 -9.70
N GLU A 307 -33.28 1.31 -10.18
CA GLU A 307 -33.27 -0.12 -9.82
C GLU A 307 -31.95 -0.85 -10.12
N GLU A 308 -31.11 -0.29 -11.01
CA GLU A 308 -29.80 -0.88 -11.31
C GLU A 308 -28.84 -0.76 -10.07
N TYR A 309 -29.26 0.00 -9.06
CA TYR A 309 -28.44 0.32 -7.88
C TYR A 309 -28.99 -0.17 -6.57
N CYS A 310 -30.00 -1.06 -6.61
CA CYS A 310 -30.50 -1.70 -5.39
C CYS A 310 -29.44 -2.75 -4.91
N MET A 311 -29.35 -2.98 -3.59
CA MET A 311 -28.36 -3.92 -3.02
C MET A 311 -28.37 -5.31 -3.67
N GLU A 312 -29.57 -5.85 -4.00
CA GLU A 312 -29.73 -7.16 -4.67
C GLU A 312 -28.95 -7.28 -5.98
N VAL A 313 -29.13 -6.28 -6.86
CA VAL A 313 -28.49 -6.19 -8.17
C VAL A 313 -26.98 -6.01 -8.01
N LEU A 314 -26.56 -5.06 -7.15
CA LEU A 314 -25.15 -4.75 -6.88
C LEU A 314 -24.38 -5.98 -6.35
N CYS A 315 -24.99 -6.70 -5.41
CA CYS A 315 -24.42 -7.93 -4.84
C CYS A 315 -24.31 -9.04 -5.87
N LYS A 316 -25.37 -9.27 -6.67
CA LYS A 316 -25.41 -10.27 -7.75
C LYS A 316 -24.27 -10.02 -8.74
N GLU A 317 -24.07 -8.75 -9.13
CA GLU A 317 -23.00 -8.31 -10.01
C GLU A 317 -21.64 -8.53 -9.39
N MET A 318 -21.46 -8.31 -8.06
CA MET A 318 -20.15 -8.55 -7.39
C MET A 318 -19.85 -10.07 -7.39
N VAL A 319 -20.89 -10.92 -7.29
CA VAL A 319 -20.76 -12.39 -7.38
C VAL A 319 -20.28 -12.78 -8.81
N THR A 320 -20.90 -12.21 -9.83
CA THR A 320 -20.52 -12.42 -11.24
C THR A 320 -19.09 -11.94 -11.49
N PHE A 321 -18.71 -10.80 -10.87
CA PHE A 321 -17.35 -10.26 -10.99
C PHE A 321 -16.34 -11.34 -10.53
N LEU A 322 -16.59 -11.96 -9.34
CA LEU A 322 -15.74 -13.05 -8.83
C LEU A 322 -15.77 -14.25 -9.80
N ASP A 323 -16.97 -14.66 -10.24
CA ASP A 323 -17.20 -15.77 -11.22
C ASP A 323 -16.30 -15.57 -12.46
N LYS A 324 -16.33 -14.38 -13.05
CA LYS A 324 -15.56 -14.07 -14.25
C LYS A 324 -14.07 -14.02 -14.08
N LEU A 325 -13.57 -13.66 -12.87
CA LEU A 325 -12.14 -13.62 -12.57
C LEU A 325 -11.59 -14.94 -12.13
N GLY A 326 -12.48 -15.90 -11.89
CA GLY A 326 -12.20 -17.27 -11.46
C GLY A 326 -11.86 -17.35 -9.98
N LEU A 327 -12.51 -16.51 -9.15
CA LEU A 327 -12.24 -16.47 -7.71
C LEU A 327 -13.41 -17.12 -6.98
N SER A 328 -13.13 -18.16 -6.21
CA SER A 328 -14.22 -18.82 -5.48
C SER A 328 -14.62 -17.93 -4.27
N GLN A 329 -13.66 -17.16 -3.73
CA GLN A 329 -13.91 -16.23 -2.63
C GLN A 329 -13.03 -14.97 -2.71
N ALA A 330 -13.39 -13.95 -1.91
CA ALA A 330 -12.56 -12.79 -1.66
C ALA A 330 -12.94 -12.30 -0.29
N VAL A 331 -11.99 -11.64 0.40
CA VAL A 331 -12.36 -10.94 1.62
C VAL A 331 -12.97 -9.60 1.15
N PHE A 332 -14.09 -9.20 1.74
CA PHE A 332 -14.76 -7.99 1.33
C PHE A 332 -14.61 -6.93 2.39
N ILE A 333 -13.99 -5.80 2.03
CA ILE A 333 -13.77 -4.65 2.93
C ILE A 333 -14.46 -3.46 2.29
N GLY A 334 -15.40 -2.88 3.02
CA GLY A 334 -16.19 -1.75 2.56
C GLY A 334 -16.19 -0.57 3.50
N HIS A 335 -16.45 0.63 2.94
CA HIS A 335 -16.59 1.91 3.67
C HIS A 335 -17.87 2.55 3.19
N ASP A 336 -18.68 3.12 4.12
CA ASP A 336 -19.92 3.87 3.79
C ASP A 336 -20.92 2.96 3.01
N TRP A 337 -21.34 3.32 1.78
CA TRP A 337 -22.22 2.45 0.99
C TRP A 337 -21.56 1.09 0.64
N GLY A 338 -20.23 1.09 0.50
CA GLY A 338 -19.46 -0.14 0.27
C GLY A 338 -19.51 -1.05 1.49
N GLY A 339 -19.57 -0.46 2.68
CA GLY A 339 -19.70 -1.20 3.95
C GLY A 339 -21.06 -1.84 4.04
N MET A 340 -22.10 -1.13 3.57
CA MET A 340 -23.44 -1.70 3.50
C MET A 340 -23.48 -2.89 2.54
N LEU A 341 -22.85 -2.75 1.35
CA LEU A 341 -22.81 -3.83 0.35
C LEU A 341 -22.14 -5.07 0.94
N VAL A 342 -21.02 -4.85 1.63
CA VAL A 342 -20.20 -5.89 2.22
C VAL A 342 -20.95 -6.75 3.29
N TRP A 343 -21.80 -6.10 4.13
CA TRP A 343 -22.64 -6.80 5.11
C TRP A 343 -23.68 -7.69 4.41
N TYR A 344 -24.29 -7.20 3.34
CA TYR A 344 -25.24 -7.96 2.54
C TYR A 344 -24.58 -9.09 1.74
N MET A 345 -23.31 -8.89 1.29
CA MET A 345 -22.52 -9.96 0.65
C MET A 345 -22.37 -11.13 1.67
N ALA A 346 -22.01 -10.82 2.92
CA ALA A 346 -21.88 -11.80 4.00
C ALA A 346 -23.22 -12.51 4.30
N LEU A 347 -24.33 -11.77 4.32
CA LEU A 347 -25.66 -12.36 4.60
C LEU A 347 -26.21 -13.23 3.48
N PHE A 348 -25.99 -12.82 2.21
CA PHE A 348 -26.57 -13.50 1.06
C PHE A 348 -25.67 -14.46 0.32
N TYR A 349 -24.35 -14.23 0.38
CA TYR A 349 -23.39 -15.10 -0.31
C TYR A 349 -22.22 -15.44 0.62
N PRO A 350 -22.46 -16.05 1.81
CA PRO A 350 -21.33 -16.39 2.72
C PRO A 350 -20.29 -17.32 2.11
N GLU A 351 -20.70 -18.16 1.17
CA GLU A 351 -19.78 -19.10 0.51
C GLU A 351 -18.73 -18.38 -0.34
N ARG A 352 -19.05 -17.16 -0.78
CA ARG A 352 -18.16 -16.32 -1.61
C ARG A 352 -17.37 -15.28 -0.85
N VAL A 353 -17.63 -15.19 0.48
CA VAL A 353 -17.01 -14.20 1.34
C VAL A 353 -16.04 -14.86 2.33
N ARG A 354 -14.72 -14.72 2.09
CA ARG A 354 -13.69 -15.31 2.95
C ARG A 354 -13.81 -14.71 4.37
N ALA A 355 -14.01 -13.39 4.43
CA ALA A 355 -14.15 -12.61 5.65
C ALA A 355 -14.75 -11.28 5.26
N VAL A 356 -15.37 -10.60 6.22
CA VAL A 356 -16.00 -9.30 5.95
C VAL A 356 -15.52 -8.25 6.93
N ALA A 357 -15.21 -7.02 6.43
CA ALA A 357 -14.82 -5.89 7.29
C ALA A 357 -15.52 -4.60 6.84
N SER A 358 -16.00 -3.81 7.79
CA SER A 358 -16.62 -2.54 7.44
C SER A 358 -16.01 -1.40 8.22
N LEU A 359 -15.76 -0.30 7.53
CA LEU A 359 -15.28 0.95 8.09
C LEU A 359 -16.51 1.84 8.21
N ASN A 360 -16.82 2.28 9.46
CA ASN A 360 -17.90 3.20 9.83
C ASN A 360 -19.28 2.62 9.74
N THR A 361 -19.65 1.95 8.60
CA THR A 361 -20.98 1.40 8.41
C THR A 361 -21.29 0.25 9.34
N PRO A 362 -22.30 0.39 10.22
CA PRO A 362 -22.66 -0.75 11.07
C PRO A 362 -23.58 -1.71 10.31
N PHE A 363 -23.77 -2.88 10.88
CA PHE A 363 -24.76 -3.78 10.37
C PHE A 363 -26.00 -3.51 11.23
N ILE A 364 -27.10 -3.03 10.64
CA ILE A 364 -28.35 -2.83 11.39
C ILE A 364 -29.47 -3.59 10.70
N PRO A 365 -30.06 -4.56 11.41
CA PRO A 365 -31.12 -5.39 10.81
C PRO A 365 -32.37 -4.62 10.50
N ALA A 366 -33.05 -5.01 9.40
CA ALA A 366 -34.30 -4.41 8.96
C ALA A 366 -35.41 -4.59 9.99
N ASN A 367 -36.16 -3.51 10.26
CA ASN A 367 -37.33 -3.60 11.13
C ASN A 367 -38.51 -3.89 10.17
N PRO A 368 -39.10 -5.10 10.20
CA PRO A 368 -40.19 -5.43 9.26
C PRO A 368 -41.53 -4.75 9.60
N ASN A 369 -41.61 -4.14 10.80
CA ASN A 369 -42.80 -3.45 11.32
C ASN A 369 -42.68 -1.93 11.16
N MET A 370 -41.63 -1.46 10.45
CA MET A 370 -41.39 -0.04 10.19
C MET A 370 -40.75 0.17 8.83
N SER A 371 -41.29 1.13 8.05
CA SER A 371 -40.77 1.51 6.74
C SER A 371 -39.37 2.13 6.92
N PRO A 372 -38.42 1.96 5.98
CA PRO A 372 -37.10 2.60 6.15
C PRO A 372 -37.21 4.13 6.21
N LEU A 373 -38.16 4.71 5.43
CA LEU A 373 -38.44 6.16 5.40
C LEU A 373 -38.82 6.68 6.79
N GLU A 374 -39.58 5.89 7.57
CA GLU A 374 -39.99 6.18 8.96
C GLU A 374 -38.74 6.19 9.87
N SER A 375 -37.93 5.11 9.76
CA SER A 375 -36.69 4.88 10.52
C SER A 375 -35.67 6.01 10.31
N ILE A 376 -35.46 6.44 9.05
CA ILE A 376 -34.53 7.52 8.67
C ILE A 376 -34.98 8.86 9.26
N LYS A 377 -36.31 9.12 9.26
CA LYS A 377 -36.89 10.34 9.80
C LYS A 377 -36.67 10.52 11.31
N ALA A 378 -36.65 9.40 12.07
CA ALA A 378 -36.40 9.37 13.51
C ALA A 378 -35.04 9.98 13.88
N ASN A 379 -34.02 9.77 13.02
CA ASN A 379 -32.67 10.29 13.20
C ASN A 379 -32.41 11.52 12.32
N PRO A 380 -32.26 12.73 12.91
CA PRO A 380 -32.01 13.94 12.09
C PRO A 380 -30.69 13.93 11.33
N VAL A 381 -29.80 12.99 11.71
CA VAL A 381 -28.47 12.78 11.15
C VAL A 381 -28.57 12.38 9.66
N PHE A 382 -29.62 11.59 9.32
CA PHE A 382 -29.88 11.07 7.97
C PHE A 382 -30.82 11.93 7.13
N ASP A 383 -31.19 13.13 7.64
CA ASP A 383 -32.12 14.04 6.96
C ASP A 383 -31.64 14.51 5.59
N TYR A 384 -30.30 14.66 5.42
CA TYR A 384 -29.65 15.06 4.16
C TYR A 384 -29.89 14.04 3.02
N GLN A 385 -30.11 12.75 3.37
CA GLN A 385 -30.38 11.69 2.41
C GLN A 385 -31.77 11.83 1.77
N LEU A 386 -32.69 12.58 2.44
CA LEU A 386 -34.04 12.84 1.89
C LEU A 386 -33.88 13.78 0.70
N TYR A 387 -32.89 14.68 0.77
CA TYR A 387 -32.53 15.60 -0.30
C TYR A 387 -31.99 14.85 -1.56
N PHE A 388 -31.46 13.63 -1.36
CA PHE A 388 -30.91 12.82 -2.46
C PHE A 388 -31.97 12.03 -3.19
N GLN A 389 -33.20 12.01 -2.65
CA GLN A 389 -34.28 11.20 -3.20
C GLN A 389 -34.83 11.61 -4.54
N GLU A 390 -35.12 12.91 -4.73
CA GLU A 390 -35.70 13.47 -5.96
C GLU A 390 -34.73 13.44 -7.12
N PRO A 391 -34.98 12.63 -8.17
CA PRO A 391 -34.01 12.55 -9.26
C PRO A 391 -33.74 13.89 -9.96
N GLY A 392 -32.45 14.24 -10.05
CA GLY A 392 -31.98 15.44 -10.73
C GLY A 392 -31.58 16.58 -9.81
N VAL A 393 -32.20 16.67 -8.64
CA VAL A 393 -31.95 17.78 -7.70
C VAL A 393 -30.54 17.79 -7.14
N ALA A 394 -30.12 16.72 -6.43
CA ALA A 394 -28.77 16.67 -5.87
C ALA A 394 -27.73 16.61 -7.02
N GLU A 395 -28.06 15.93 -8.16
CA GLU A 395 -27.16 15.82 -9.32
C GLU A 395 -26.71 17.19 -9.77
N ALA A 396 -27.70 18.09 -10.04
CA ALA A 396 -27.45 19.45 -10.49
C ALA A 396 -26.53 20.23 -9.57
N GLU A 397 -26.76 20.19 -8.25
CA GLU A 397 -25.94 20.89 -7.27
C GLU A 397 -24.53 20.29 -7.13
N LEU A 398 -24.44 18.95 -7.12
CA LEU A 398 -23.15 18.27 -6.94
C LEU A 398 -22.27 18.35 -8.19
N GLU A 399 -22.91 18.38 -9.39
CA GLU A 399 -22.20 18.49 -10.68
C GLU A 399 -21.93 19.95 -11.11
N GLN A 400 -22.51 20.95 -10.39
CA GLN A 400 -22.33 22.37 -10.73
C GLN A 400 -20.85 22.81 -10.75
N ASN A 401 -20.09 22.42 -9.73
CA ASN A 401 -18.68 22.72 -9.63
C ASN A 401 -18.05 21.55 -8.88
N LEU A 402 -17.36 20.62 -9.61
CA LEU A 402 -16.76 19.40 -9.06
C LEU A 402 -15.69 19.64 -8.03
N SER A 403 -14.75 20.56 -8.33
CA SER A 403 -13.66 20.94 -7.43
C SER A 403 -14.22 21.43 -6.09
N ARG A 404 -15.31 22.23 -6.13
CA ARG A 404 -16.00 22.74 -4.95
C ARG A 404 -16.65 21.58 -4.21
N THR A 405 -17.36 20.70 -4.93
CA THR A 405 -18.01 19.51 -4.36
C THR A 405 -17.06 18.68 -3.49
N PHE A 406 -15.90 18.27 -4.04
CA PHE A 406 -14.93 17.40 -3.37
C PHE A 406 -14.15 18.07 -2.30
N LYS A 407 -13.76 19.34 -2.54
CA LYS A 407 -13.06 20.16 -1.55
C LYS A 407 -13.95 20.37 -0.32
N SER A 408 -15.28 20.57 -0.53
CA SER A 408 -16.23 20.75 0.56
C SER A 408 -16.48 19.46 1.31
N LEU A 409 -16.54 18.34 0.59
CA LEU A 409 -16.85 17.05 1.22
C LEU A 409 -15.68 16.46 1.97
N PHE A 410 -14.53 16.32 1.30
CA PHE A 410 -13.37 15.63 1.86
C PHE A 410 -12.55 16.51 2.78
N ARG A 411 -12.96 16.56 4.06
CA ARG A 411 -12.36 17.36 5.14
C ARG A 411 -12.33 16.57 6.42
N ALA A 412 -11.36 16.88 7.31
CA ALA A 412 -11.26 16.25 8.62
C ALA A 412 -12.37 16.79 9.56
N SER A 413 -12.66 16.10 10.68
CA SER A 413 -13.72 16.43 11.66
C SER A 413 -13.84 17.91 12.12
N ASP A 414 -12.68 18.60 12.26
CA ASP A 414 -12.54 20.00 12.69
C ASP A 414 -12.58 20.99 11.51
N GLU A 415 -12.55 20.49 10.26
CA GLU A 415 -12.53 21.31 9.04
C GLU A 415 -13.90 21.51 8.38
N SER A 416 -15.01 21.04 9.00
CA SER A 416 -16.36 21.16 8.45
C SER A 416 -16.67 22.54 7.87
N VAL A 417 -17.24 22.51 6.67
CA VAL A 417 -17.58 23.66 5.84
C VAL A 417 -19.06 23.56 5.38
N LEU A 418 -19.67 22.38 5.56
CA LEU A 418 -21.06 22.08 5.22
C LEU A 418 -21.89 21.90 6.49
N SER A 419 -23.14 22.43 6.49
CA SER A 419 -24.07 22.33 7.62
C SER A 419 -24.48 20.87 7.89
N MET A 420 -24.93 20.16 6.83
CA MET A 420 -25.36 18.75 6.84
C MET A 420 -26.54 18.44 7.79
N HIS A 421 -27.34 19.47 8.09
CA HIS A 421 -28.54 19.43 8.93
C HIS A 421 -29.46 20.51 8.39
N LYS A 422 -30.75 20.15 8.19
CA LYS A 422 -31.79 20.98 7.57
C LYS A 422 -31.44 21.31 6.10
N VAL A 423 -30.62 20.42 5.46
CA VAL A 423 -30.20 20.46 4.04
C VAL A 423 -31.48 20.42 3.22
N CYS A 424 -32.36 19.46 3.56
CA CYS A 424 -33.69 19.34 3.00
C CYS A 424 -34.54 20.19 3.95
N GLU A 425 -34.69 21.52 3.60
CA GLU A 425 -35.40 22.65 4.24
C GLU A 425 -34.63 24.00 4.10
N ALA A 426 -33.36 23.94 3.61
CA ALA A 426 -32.50 25.10 3.35
C ALA A 426 -32.25 25.28 1.84
N GLY A 427 -32.69 24.31 1.05
CA GLY A 427 -32.60 24.32 -0.40
C GLY A 427 -31.32 23.82 -1.05
N GLY A 428 -30.46 23.17 -0.28
CA GLY A 428 -29.21 22.66 -0.83
C GLY A 428 -28.19 22.17 0.17
N LEU A 429 -27.21 21.40 -0.32
CA LEU A 429 -26.11 20.85 0.47
C LEU A 429 -25.07 21.94 0.71
N PHE A 430 -24.84 22.82 -0.31
CA PHE A 430 -23.84 23.90 -0.35
C PHE A 430 -24.33 25.31 0.05
N VAL A 431 -25.51 25.41 0.70
CA VAL A 431 -26.05 26.70 1.16
C VAL A 431 -25.23 27.20 2.34
N ASN A 432 -24.80 28.47 2.29
CA ASN A 432 -23.93 29.07 3.31
C ASN A 432 -22.56 28.37 3.44
N SER A 433 -22.09 27.83 2.29
CA SER A 433 -20.81 27.14 2.12
C SER A 433 -19.93 27.95 1.17
N PRO A 434 -18.60 28.03 1.38
CA PRO A 434 -17.76 28.82 0.48
C PRO A 434 -17.76 28.35 -0.98
N GLU A 435 -17.66 29.31 -1.91
CA GLU A 435 -17.57 29.01 -3.34
C GLU A 435 -16.21 28.43 -3.65
N GLU A 436 -15.20 28.86 -2.89
CA GLU A 436 -13.84 28.38 -3.05
C GLU A 436 -13.32 27.90 -1.70
N PRO A 437 -13.69 26.65 -1.30
CA PRO A 437 -13.18 26.12 -0.01
C PRO A 437 -11.67 26.01 0.02
N SER A 438 -11.09 26.12 1.23
CA SER A 438 -9.65 25.97 1.41
C SER A 438 -9.30 24.48 1.19
N LEU A 439 -8.01 24.17 1.01
CA LEU A 439 -7.61 22.79 0.80
C LEU A 439 -7.51 22.09 2.16
N SER A 440 -8.19 20.94 2.31
CA SER A 440 -8.12 20.20 3.56
C SER A 440 -6.71 19.65 3.78
N ARG A 441 -6.30 19.45 5.06
CA ARG A 441 -5.00 18.87 5.43
C ARG A 441 -4.90 17.39 4.97
N MET A 442 -6.06 16.77 4.68
CA MET A 442 -6.17 15.37 4.24
C MET A 442 -5.78 15.12 2.78
N VAL A 443 -5.98 16.14 1.91
CA VAL A 443 -5.80 16.01 0.47
C VAL A 443 -4.93 17.08 -0.19
N THR A 444 -4.27 16.72 -1.31
CA THR A 444 -3.53 17.70 -2.10
C THR A 444 -4.50 18.16 -3.17
N GLU A 445 -4.18 19.25 -3.92
CA GLU A 445 -4.99 19.75 -5.03
C GLU A 445 -5.06 18.67 -6.12
N GLU A 446 -3.94 17.98 -6.35
CA GLU A 446 -3.76 16.91 -7.33
C GLU A 446 -4.72 15.75 -7.06
N GLU A 447 -4.86 15.33 -5.79
CA GLU A 447 -5.77 14.27 -5.38
C GLU A 447 -7.24 14.68 -5.62
N ILE A 448 -7.61 15.98 -5.33
CA ILE A 448 -8.98 16.46 -5.59
C ILE A 448 -9.24 16.41 -7.09
N GLN A 449 -8.27 16.87 -7.90
CA GLN A 449 -8.39 16.91 -9.36
C GLN A 449 -8.55 15.51 -9.97
N PHE A 450 -8.01 14.48 -9.31
CA PHE A 450 -8.22 13.08 -9.74
C PHE A 450 -9.72 12.76 -9.66
N TYR A 451 -10.36 13.04 -8.48
CA TYR A 451 -11.82 12.84 -8.27
C TYR A 451 -12.65 13.67 -9.23
N VAL A 452 -12.25 14.93 -9.46
CA VAL A 452 -12.92 15.82 -10.41
C VAL A 452 -12.90 15.13 -11.80
N GLN A 453 -11.70 14.71 -12.27
CA GLN A 453 -11.56 14.02 -13.56
C GLN A 453 -12.40 12.74 -13.68
N GLN A 454 -12.45 11.93 -12.62
CA GLN A 454 -13.29 10.70 -12.61
C GLN A 454 -14.78 11.01 -12.73
N PHE A 455 -15.28 12.00 -11.95
CA PHE A 455 -16.71 12.37 -12.00
C PHE A 455 -17.17 13.11 -13.28
N LYS A 456 -16.21 13.51 -14.14
CA LYS A 456 -16.55 14.14 -15.43
C LYS A 456 -17.18 13.15 -16.40
N LYS A 457 -16.90 11.84 -16.23
CA LYS A 457 -17.47 10.83 -17.12
C LYS A 457 -18.98 10.57 -16.91
N SER A 458 -19.41 10.28 -15.66
CA SER A 458 -20.81 9.89 -15.46
C SER A 458 -21.62 10.78 -14.54
N GLY A 459 -20.93 11.67 -13.84
CA GLY A 459 -21.59 12.56 -12.90
C GLY A 459 -22.10 11.84 -11.67
N PHE A 460 -23.16 12.38 -11.07
CA PHE A 460 -23.70 11.92 -9.78
C PHE A 460 -24.96 11.07 -9.83
N ARG A 461 -25.54 10.86 -11.02
CA ARG A 461 -26.76 10.06 -11.17
C ARG A 461 -26.65 8.62 -10.58
N GLY A 462 -25.72 7.83 -11.11
CA GLY A 462 -25.47 6.47 -10.66
C GLY A 462 -25.10 6.42 -9.18
N PRO A 463 -24.10 7.24 -8.75
CA PRO A 463 -23.80 7.36 -7.30
C PRO A 463 -25.02 7.67 -6.42
N LEU A 464 -25.86 8.65 -6.83
CA LEU A 464 -27.06 9.03 -6.07
C LEU A 464 -28.10 7.96 -6.06
N ASN A 465 -28.15 7.14 -7.11
CA ASN A 465 -29.10 6.04 -7.20
C ASN A 465 -28.91 5.01 -6.09
N TRP A 466 -27.68 4.88 -5.52
CA TRP A 466 -27.41 3.98 -4.40
C TRP A 466 -28.34 4.27 -3.21
N TYR A 467 -28.76 5.53 -3.05
CA TYR A 467 -29.70 6.01 -2.00
C TYR A 467 -31.16 5.89 -2.39
N ARG A 468 -31.46 5.58 -3.66
CA ARG A 468 -32.84 5.60 -4.13
C ARG A 468 -33.55 4.26 -4.16
N ASN A 469 -33.05 3.32 -3.35
CA ASN A 469 -33.61 1.97 -3.33
C ASN A 469 -33.96 1.51 -1.94
N MET A 470 -34.34 2.48 -1.07
CA MET A 470 -34.68 2.22 0.34
C MET A 470 -35.71 1.13 0.56
N GLU A 471 -36.86 1.21 -0.13
CA GLU A 471 -37.95 0.24 -0.04
C GLU A 471 -37.51 -1.15 -0.58
N ARG A 472 -36.85 -1.19 -1.75
CA ARG A 472 -36.36 -2.44 -2.36
C ARG A 472 -35.32 -3.13 -1.47
N ASN A 473 -34.40 -2.35 -0.90
CA ASN A 473 -33.33 -2.87 -0.02
C ASN A 473 -33.88 -3.39 1.26
N TRP A 474 -34.90 -2.70 1.81
CA TRP A 474 -35.54 -3.07 3.07
C TRP A 474 -36.27 -4.39 2.89
N LYS A 475 -37.05 -4.52 1.82
CA LYS A 475 -37.77 -5.74 1.47
C LYS A 475 -36.81 -6.92 1.31
N TRP A 476 -35.68 -6.71 0.61
CA TRP A 476 -34.67 -7.74 0.43
C TRP A 476 -34.04 -8.12 1.75
N ALA A 477 -33.67 -7.11 2.58
CA ALA A 477 -33.04 -7.35 3.89
C ALA A 477 -33.91 -8.16 4.86
N CYS A 478 -35.26 -7.99 4.79
CA CYS A 478 -36.23 -8.70 5.62
C CYS A 478 -36.19 -10.24 5.42
N LYS A 479 -35.78 -10.72 4.22
CA LYS A 479 -35.60 -12.14 3.91
C LYS A 479 -34.49 -12.76 4.76
N SER A 480 -33.53 -11.93 5.24
CA SER A 480 -32.38 -12.39 5.99
C SER A 480 -32.54 -12.27 7.50
N LEU A 481 -33.74 -11.88 7.99
CA LEU A 481 -33.96 -11.65 9.43
C LEU A 481 -33.71 -12.81 10.41
N GLY A 482 -33.85 -14.04 9.92
CA GLY A 482 -33.58 -15.24 10.72
C GLY A 482 -32.12 -15.67 10.70
N ARG A 483 -31.28 -15.00 9.90
CA ARG A 483 -29.87 -15.38 9.75
C ARG A 483 -28.95 -14.67 10.72
N LYS A 484 -27.74 -15.22 10.89
CA LYS A 484 -26.68 -14.55 11.64
C LYS A 484 -25.44 -14.53 10.73
N ILE A 485 -24.49 -13.60 10.97
CA ILE A 485 -23.21 -13.57 10.25
C ILE A 485 -22.24 -14.35 11.13
N LEU A 486 -21.79 -15.52 10.64
CA LEU A 486 -20.95 -16.44 11.40
C LEU A 486 -19.60 -16.68 10.76
N ILE A 487 -19.33 -15.97 9.65
CA ILE A 487 -18.05 -15.97 8.94
C ILE A 487 -17.18 -14.89 9.64
N PRO A 488 -15.82 -14.87 9.48
CA PRO A 488 -15.03 -13.84 10.18
C PRO A 488 -15.44 -12.43 9.78
N ALA A 489 -15.64 -11.56 10.78
CA ALA A 489 -16.14 -10.20 10.62
C ALA A 489 -15.43 -9.18 11.50
N LEU A 490 -15.16 -7.97 10.93
CA LEU A 490 -14.55 -6.82 11.59
C LEU A 490 -15.40 -5.56 11.43
N MET A 491 -15.66 -4.86 12.56
CA MET A 491 -16.35 -3.59 12.58
C MET A 491 -15.34 -2.54 13.02
N VAL A 492 -15.02 -1.58 12.16
CA VAL A 492 -14.12 -0.47 12.47
C VAL A 492 -14.93 0.83 12.66
N THR A 493 -14.94 1.37 13.89
CA THR A 493 -15.66 2.63 14.20
C THR A 493 -14.68 3.80 14.17
N ALA A 494 -15.21 4.98 13.80
CA ALA A 494 -14.50 6.24 13.68
C ALA A 494 -15.19 7.21 14.66
N GLU A 495 -14.47 7.60 15.71
CA GLU A 495 -14.95 8.43 16.83
C GLU A 495 -15.77 9.65 16.40
N LYS A 496 -15.25 10.39 15.42
CA LYS A 496 -15.80 11.63 14.92
C LYS A 496 -16.60 11.55 13.63
N ASP A 497 -17.11 10.34 13.24
CA ASP A 497 -18.02 10.30 12.10
C ASP A 497 -19.36 10.69 12.75
N PHE A 498 -19.92 11.84 12.38
CA PHE A 498 -21.18 12.31 12.98
C PHE A 498 -22.46 11.78 12.34
N VAL A 499 -22.33 11.02 11.24
CA VAL A 499 -23.47 10.39 10.56
C VAL A 499 -23.50 8.88 10.95
N LEU A 500 -22.41 8.19 10.65
CA LEU A 500 -22.21 6.75 10.96
C LEU A 500 -21.45 6.72 12.30
N VAL A 501 -22.19 7.06 13.36
CA VAL A 501 -21.64 7.19 14.72
C VAL A 501 -21.23 5.84 15.31
N PRO A 502 -20.09 5.75 16.08
CA PRO A 502 -19.71 4.47 16.69
C PRO A 502 -20.81 3.77 17.49
N GLN A 503 -21.66 4.53 18.18
CA GLN A 503 -22.76 3.96 18.99
C GLN A 503 -23.83 3.20 18.18
N MET A 504 -23.94 3.48 16.86
CA MET A 504 -24.88 2.79 15.96
C MET A 504 -24.51 1.31 15.80
N SER A 505 -23.23 0.97 16.07
CA SER A 505 -22.72 -0.39 15.95
C SER A 505 -22.86 -1.23 17.22
N GLN A 506 -23.30 -0.62 18.34
CA GLN A 506 -23.37 -1.26 19.68
C GLN A 506 -24.05 -2.64 19.80
N HIS A 507 -25.16 -2.87 19.09
CA HIS A 507 -25.89 -4.14 19.18
C HIS A 507 -25.51 -5.17 18.12
N MET A 508 -24.46 -4.91 17.33
CA MET A 508 -24.03 -5.80 16.26
C MET A 508 -23.72 -7.25 16.70
N GLU A 509 -23.15 -7.42 17.92
CA GLU A 509 -22.86 -8.77 18.47
C GLU A 509 -24.07 -9.71 18.59
N ASP A 510 -25.29 -9.15 18.61
CA ASP A 510 -26.56 -9.91 18.61
C ASP A 510 -26.75 -10.71 17.32
N TRP A 511 -26.20 -10.21 16.20
CA TRP A 511 -26.28 -10.78 14.84
C TRP A 511 -24.97 -11.38 14.36
N ILE A 512 -23.86 -10.87 14.87
CA ILE A 512 -22.50 -11.32 14.54
C ILE A 512 -21.82 -11.62 15.90
N PRO A 513 -22.09 -12.79 16.53
CA PRO A 513 -21.52 -13.06 17.87
C PRO A 513 -19.99 -13.08 17.96
N HIS A 514 -19.32 -13.55 16.89
CA HIS A 514 -17.85 -13.67 16.81
C HIS A 514 -17.17 -12.39 16.31
N LEU A 515 -17.94 -11.31 16.10
CA LEU A 515 -17.44 -10.03 15.61
C LEU A 515 -16.19 -9.51 16.30
N LYS A 516 -15.21 -9.06 15.50
CA LYS A 516 -14.03 -8.41 16.03
C LYS A 516 -14.16 -6.92 15.77
N ARG A 517 -13.44 -6.11 16.51
CA ARG A 517 -13.57 -4.66 16.40
C ARG A 517 -12.28 -3.93 16.32
N GLY A 518 -12.39 -2.73 15.79
CA GLY A 518 -11.34 -1.73 15.72
C GLY A 518 -11.99 -0.41 16.01
N HIS A 519 -11.24 0.55 16.54
CA HIS A 519 -11.79 1.88 16.80
C HIS A 519 -10.71 2.90 16.57
N ILE A 520 -11.05 3.96 15.81
CA ILE A 520 -10.12 5.05 15.52
C ILE A 520 -10.60 6.36 16.10
N GLU A 521 -9.75 6.95 16.96
CA GLU A 521 -10.02 8.21 17.64
C GLU A 521 -9.67 9.34 16.73
N ASP A 522 -10.32 10.50 16.92
CA ASP A 522 -10.09 11.72 16.14
C ASP A 522 -10.14 11.43 14.60
N CYS A 523 -11.06 10.58 14.20
CA CYS A 523 -11.23 10.19 12.81
C CYS A 523 -12.63 10.57 12.37
N GLY A 524 -12.72 11.29 11.25
CA GLY A 524 -13.99 11.66 10.65
C GLY A 524 -14.58 10.59 9.75
N HIS A 525 -15.44 10.99 8.82
CA HIS A 525 -16.10 10.08 7.88
C HIS A 525 -15.19 9.43 6.84
N TRP A 526 -14.21 10.17 6.31
CA TRP A 526 -13.33 9.73 5.23
C TRP A 526 -12.17 8.98 5.82
N THR A 527 -12.49 7.89 6.55
CA THR A 527 -11.59 7.02 7.33
C THR A 527 -10.23 6.71 6.75
N GLN A 528 -10.20 6.22 5.49
CA GLN A 528 -9.01 5.76 4.78
C GLN A 528 -8.00 6.86 4.58
N MET A 529 -8.46 8.08 4.24
CA MET A 529 -7.52 9.19 4.01
C MET A 529 -7.30 10.02 5.28
N ASP A 530 -8.24 9.94 6.24
CA ASP A 530 -8.15 10.68 7.51
C ASP A 530 -7.10 10.06 8.39
N LYS A 531 -7.17 8.74 8.60
CA LYS A 531 -6.25 7.99 9.45
C LYS A 531 -5.63 6.78 8.72
N PRO A 532 -4.87 6.97 7.60
CA PRO A 532 -4.36 5.79 6.84
C PRO A 532 -3.51 4.78 7.57
N THR A 533 -2.59 5.25 8.43
CA THR A 533 -1.70 4.39 9.22
C THR A 533 -2.48 3.44 10.14
N GLU A 534 -3.47 3.96 10.88
CA GLU A 534 -4.27 3.16 11.80
C GLU A 534 -5.17 2.18 11.12
N VAL A 535 -5.81 2.61 10.00
CA VAL A 535 -6.63 1.75 9.12
C VAL A 535 -5.78 0.54 8.70
N ASN A 536 -4.57 0.80 8.13
CA ASN A 536 -3.67 -0.24 7.67
C ASN A 536 -3.28 -1.18 8.79
N GLN A 537 -2.92 -0.60 9.95
CA GLN A 537 -2.56 -1.39 11.13
C GLN A 537 -3.72 -2.32 11.52
N ILE A 538 -4.93 -1.77 11.65
CA ILE A 538 -6.14 -2.52 12.00
C ILE A 538 -6.48 -3.61 10.97
N LEU A 539 -6.48 -3.24 9.66
CA LEU A 539 -6.83 -4.21 8.62
C LEU A 539 -5.81 -5.34 8.50
N ILE A 540 -4.50 -5.03 8.45
CA ILE A 540 -3.43 -6.05 8.33
C ILE A 540 -3.46 -7.05 9.49
N LYS A 541 -3.58 -6.56 10.73
CA LYS A 541 -3.67 -7.37 11.94
C LYS A 541 -4.87 -8.34 11.86
N TRP A 542 -6.07 -7.83 11.50
CA TRP A 542 -7.28 -8.66 11.36
C TRP A 542 -7.15 -9.64 10.21
N LEU A 543 -6.64 -9.19 9.04
CA LEU A 543 -6.43 -10.08 7.87
C LEU A 543 -5.52 -11.26 8.24
N ASP A 544 -4.37 -10.99 8.88
CA ASP A 544 -3.40 -12.02 9.25
C ASP A 544 -3.91 -13.04 10.29
N SER A 545 -4.80 -12.62 11.20
CA SER A 545 -5.36 -13.50 12.22
C SER A 545 -6.65 -14.22 11.81
N ASP A 546 -7.50 -13.56 10.98
CA ASP A 546 -8.82 -14.10 10.61
C ASP A 546 -9.11 -14.43 9.14
N ALA A 547 -8.28 -13.95 8.20
CA ALA A 547 -8.55 -14.15 6.78
C ALA A 547 -7.51 -15.01 6.03
N ARG A 548 -6.45 -15.47 6.73
CA ARG A 548 -5.35 -16.31 6.21
C ARG A 548 -4.51 -15.57 5.17
S DMS B . -25.80 4.41 4.19
O DMS B . -26.03 5.38 5.20
C1 DMS B . -26.29 2.75 4.76
C2 DMS B . -24.03 4.18 3.91
S DMS C . -1.80 15.13 1.68
O DMS C . -2.29 14.35 2.77
C1 DMS C . 0.00 14.88 1.65
C2 DMS C . -1.79 16.88 2.16
S DMS D . 12.50 0.69 -10.09
O DMS D . 11.47 1.71 -10.23
C1 DMS D . 14.05 1.61 -9.75
C2 DMS D . 12.71 -0.12 -11.67
C1 A0J E . -29.98 0.22 3.49
C2 A0J E . -31.18 1.16 3.56
C3 A0J E . -30.93 2.27 4.54
C4 A0J E . -30.89 2.26 5.93
C5 A0J E . -30.64 3.45 6.59
C6 A0J E . -30.41 4.63 5.88
C7 A0J E . -30.46 4.65 4.51
C8 A0J E . -30.73 3.44 3.87
N9 A0J E . -30.82 3.24 2.50
C10 A0J E . -31.17 1.92 2.26
O11 A0J E . -31.43 1.44 1.17
C12 A0J E . -30.66 3.49 8.04
C13 A0J E . -30.02 4.37 8.94
N14 A0J E . -30.30 4.07 10.22
N15 A0J E . -31.13 3.02 10.11
C16 A0J E . -31.39 2.63 8.83
C17 A0J E . -31.67 2.41 11.32
C18 A0J E . -32.55 0.46 3.68
C19 A0J E . -32.74 -0.35 4.93
C20 A0J E . -32.28 -1.65 5.03
C21 A0J E . -32.45 -2.36 6.19
C22 A0J E . -33.11 -1.78 7.26
C23 A0J E . -33.60 -0.50 7.17
C24 A0J E . -33.41 0.21 6.00
#